data_4KSZ
#
_entry.id   4KSZ
#
_cell.length_a   54.006
_cell.length_b   80.300
_cell.length_c   76.510
_cell.angle_alpha   90.00
_cell.angle_beta   102.02
_cell.angle_gamma   90.00
#
_symmetry.space_group_name_H-M   'P 1 21 1'
#
loop_
_entity.id
_entity.type
_entity.pdbx_description
1 polymer Lactoperoxidase
2 branched 2-acetamido-2-deoxy-beta-D-glucopyranose-(1-4)-2-acetamido-2-deoxy-beta-D-glucopyranose
3 non-polymer 'PROTOPORPHYRIN IX CONTAINING FE'
4 non-polymer 'CALCIUM ION'
5 non-polymer 'IODIDE ION'
6 non-polymer 2-acetamido-2-deoxy-beta-D-glucopyranose
7 non-polymer 'THIOCYANATE ION'
8 non-polymer CYSTEINE
9 water water
#
_entity_poly.entity_id   1
_entity_poly.type   'polypeptide(L)'
_entity_poly.pdbx_seq_one_letter_code
;SWEVGCGAPVPLVKCDENSPYRTITGDCNNRRSPALGAANRALARWLPAEYEDGLALPFGWTQRKTRNGFRVPLAREVSN
KIVGYLDEEGVLDQNRSLLFMQWGQIVDHDLDFAPETELGSNEHSKTQCEEYCIQGDNCFPIMFPKNDPKLKTQGKCMPF
FRAGFVCPTPPYQSLAREQINAVTSFLDASLVYGSEP(SEP)LASRLRNLSSPLGLMAVNQEAWDHGLAYLPFNNKKPSP
CEFINTTARVPCFLAGDFRASEQILLATAHTLLLREHNRLARELKKLNPHWNGEKLYQEARKILGAFIQIITFRDYLPIV
LGSEMQKWIPPYQGYNNSVDPRISNVFTFAFRFGHMEVPSTVSRLDENYQPWGPEAELPLHTLFFNTWRIIKDGGIDPLV
RGLLAKKSKLMNQDKMVTSELRNKLFQPTHKIHGFDLAAINLQRCRDHGMPGYNSWRGFCGLSQPKTLKGLQTVLKNKIL
AKKLMDLYKTPDNIDIWIGGNAEPMVERGRVGPLLACLLGRQFQQIRDGDRFWWENPGVFTEKQRDSLQKVSFSRLICDN
THITKVPLHAFQANNYPHDFVDCSTVDKLDLSPWASREN
;
_entity_poly.pdbx_strand_id   A
#
# COMPACT_ATOMS: atom_id res chain seq x y z
N SER A 1 -17.45 -28.14 1.62
CA SER A 1 -18.00 -27.55 0.39
C SER A 1 -17.59 -28.32 -0.96
N TRP A 2 -17.22 -29.59 -0.92
CA TRP A 2 -16.24 -30.08 -1.86
C TRP A 2 -16.61 -29.66 -3.25
N GLU A 3 -15.66 -28.96 -3.88
CA GLU A 3 -15.80 -28.45 -5.26
C GLU A 3 -14.45 -28.14 -5.96
N VAL A 4 -14.46 -28.07 -7.29
CA VAL A 4 -13.29 -27.72 -8.13
C VAL A 4 -12.99 -26.22 -8.26
N GLY A 5 -11.79 -25.85 -8.72
CA GLY A 5 -11.44 -24.44 -8.87
C GLY A 5 -11.68 -23.68 -10.16
N CYS A 6 -12.51 -22.64 -10.00
CA CYS A 6 -12.73 -21.58 -10.96
C CYS A 6 -11.67 -20.49 -10.83
N GLY A 7 -11.60 -19.60 -11.81
CA GLY A 7 -10.61 -18.54 -11.83
C GLY A 7 -10.85 -17.62 -13.02
N ALA A 8 -10.59 -16.33 -12.84
CA ALA A 8 -10.80 -15.34 -13.88
C ALA A 8 -9.91 -15.57 -15.13
N PRO A 9 -8.61 -15.62 -14.95
CA PRO A 9 -7.72 -15.87 -16.09
C PRO A 9 -7.71 -17.35 -16.36
N VAL A 10 -6.85 -17.72 -17.27
CA VAL A 10 -6.55 -19.13 -17.44
C VAL A 10 -5.47 -19.48 -16.44
N PRO A 11 -5.73 -20.62 -15.67
CA PRO A 11 -4.52 -21.11 -14.98
C PRO A 11 -3.71 -21.81 -16.07
N LEU A 12 -3.24 -20.94 -16.95
CA LEU A 12 -2.34 -21.25 -18.00
C LEU A 12 -1.01 -21.01 -17.36
N VAL A 13 -0.30 -22.09 -17.29
CA VAL A 13 0.97 -22.17 -16.61
C VAL A 13 2.21 -22.44 -17.51
N LYS A 14 3.25 -21.65 -17.74
CA LYS A 14 4.31 -22.33 -18.50
C LYS A 14 5.52 -22.22 -17.66
N CYS A 15 5.81 -23.20 -16.84
CA CYS A 15 6.81 -22.88 -15.83
C CYS A 15 8.25 -23.24 -16.18
N ASP A 16 8.55 -24.52 -16.24
CA ASP A 16 9.90 -24.91 -16.61
C ASP A 16 10.83 -24.16 -15.67
N GLU A 17 10.82 -24.58 -14.41
CA GLU A 17 11.44 -23.89 -13.28
C GLU A 17 12.93 -23.99 -13.11
N ASN A 18 13.66 -23.65 -14.15
CA ASN A 18 15.09 -23.68 -14.04
C ASN A 18 15.70 -22.31 -14.00
N SER A 19 14.97 -21.32 -14.50
CA SER A 19 15.48 -19.93 -14.51
C SER A 19 15.63 -19.43 -13.08
N PRO A 20 16.74 -18.70 -12.81
CA PRO A 20 16.98 -18.14 -11.47
C PRO A 20 16.16 -16.89 -11.17
N TYR A 21 15.22 -16.54 -12.06
CA TYR A 21 14.52 -15.26 -11.89
C TYR A 21 13.01 -15.40 -11.70
N ARG A 22 12.43 -14.44 -10.99
CA ARG A 22 10.99 -14.46 -10.77
C ARG A 22 10.32 -14.15 -12.11
N THR A 23 9.16 -14.76 -12.44
CA THR A 23 8.25 -14.19 -13.47
C THR A 23 7.68 -12.80 -13.01
N ILE A 24 7.13 -12.05 -13.97
CA ILE A 24 6.51 -10.77 -13.70
C ILE A 24 5.19 -10.99 -12.97
N THR A 25 4.44 -12.02 -13.38
CA THR A 25 3.07 -12.22 -12.89
C THR A 25 3.00 -12.90 -11.53
N GLY A 26 4.13 -13.46 -11.10
CA GLY A 26 4.17 -14.30 -9.91
C GLY A 26 3.96 -15.79 -10.13
N ASP A 27 3.51 -16.18 -11.33
CA ASP A 27 3.26 -17.61 -11.58
C ASP A 27 4.57 -18.35 -11.43
N CYS A 28 4.50 -19.65 -11.19
CA CYS A 28 5.70 -20.50 -11.11
C CYS A 28 6.60 -20.33 -9.93
N ASN A 29 6.20 -19.49 -8.97
CA ASN A 29 6.91 -19.38 -7.71
C ASN A 29 6.68 -20.69 -6.95
N ASN A 30 5.40 -21.07 -6.88
CA ASN A 30 5.05 -22.37 -6.32
C ASN A 30 4.98 -23.51 -7.36
N ARG A 31 5.84 -24.49 -7.24
CA ARG A 31 5.93 -25.59 -8.19
C ARG A 31 4.75 -26.56 -8.27
N ARG A 32 4.28 -26.98 -7.13
CA ARG A 32 3.08 -27.82 -7.00
C ARG A 32 1.77 -27.13 -7.34
N SER A 33 1.68 -25.84 -7.04
CA SER A 33 0.55 -25.03 -7.47
C SER A 33 1.08 -23.76 -8.15
N PRO A 34 1.32 -23.82 -9.47
CA PRO A 34 1.96 -22.64 -10.06
C PRO A 34 1.21 -21.28 -10.01
N ALA A 35 -0.10 -21.25 -9.81
CA ALA A 35 -0.81 -19.96 -9.74
C ALA A 35 -0.73 -19.22 -8.40
N LEU A 36 -0.21 -19.87 -7.36
CA LEU A 36 -0.28 -19.34 -6.01
C LEU A 36 0.54 -18.09 -5.81
N GLY A 37 -0.12 -17.02 -5.39
CA GLY A 37 0.60 -15.74 -5.20
C GLY A 37 0.75 -14.90 -6.49
N ALA A 38 0.39 -15.48 -7.63
CA ALA A 38 0.34 -14.75 -8.91
C ALA A 38 -0.73 -13.67 -8.93
N ALA A 39 -0.45 -12.60 -9.67
CA ALA A 39 -1.39 -11.48 -9.87
C ALA A 39 -2.62 -11.92 -10.60
N ASN A 40 -3.66 -11.10 -10.50
CA ASN A 40 -4.95 -11.30 -11.17
C ASN A 40 -5.66 -12.60 -10.85
N ARG A 41 -5.52 -13.04 -9.61
CA ARG A 41 -6.33 -14.15 -9.04
C ARG A 41 -7.09 -13.60 -7.81
N ALA A 42 -8.06 -14.40 -7.32
CA ALA A 42 -8.90 -14.05 -6.15
C ALA A 42 -7.99 -13.82 -4.96
N LEU A 43 -8.28 -12.81 -4.15
CA LEU A 43 -7.64 -12.70 -2.82
C LEU A 43 -7.98 -13.95 -2.07
N ALA A 44 -7.05 -14.45 -1.23
CA ALA A 44 -7.41 -15.57 -0.32
C ALA A 44 -8.52 -15.23 0.72
N ARG A 45 -9.36 -16.21 1.06
CA ARG A 45 -10.34 -16.07 2.16
C ARG A 45 -9.83 -16.89 3.33
N TRP A 46 -9.35 -16.24 4.40
CA TRP A 46 -9.10 -16.92 5.67
C TRP A 46 -10.35 -17.31 6.43
N LEU A 47 -11.47 -16.65 6.14
CA LEU A 47 -12.78 -17.07 6.67
C LEU A 47 -13.77 -16.84 5.61
N PRO A 48 -14.83 -17.66 5.59
CA PRO A 48 -15.74 -17.49 4.50
C PRO A 48 -16.33 -16.09 4.56
N ALA A 49 -16.71 -15.59 3.40
CA ALA A 49 -17.19 -14.25 3.19
C ALA A 49 -18.56 -14.15 3.84
N GLU A 50 -18.90 -12.92 4.24
CA GLU A 50 -20.22 -12.66 4.82
C GLU A 50 -20.84 -11.48 4.14
N TYR A 51 -21.85 -11.83 3.39
CA TYR A 51 -22.63 -10.92 2.66
C TYR A 51 -24.02 -11.02 3.18
N GLU A 52 -24.76 -9.99 2.97
CA GLU A 52 -26.18 -9.84 3.23
C GLU A 52 -27.05 -11.03 2.77
N ASP A 53 -26.69 -11.52 1.59
CA ASP A 53 -27.46 -12.60 0.97
C ASP A 53 -26.69 -13.92 0.90
N GLY A 54 -25.59 -14.00 1.58
CA GLY A 54 -24.76 -15.17 1.61
C GLY A 54 -23.86 -15.28 0.41
N LEU A 55 -24.11 -14.50 -0.62
CA LEU A 55 -23.36 -14.58 -1.87
C LEU A 55 -22.56 -13.40 -2.37
N ALA A 56 -23.21 -12.26 -2.52
CA ALA A 56 -22.57 -11.08 -3.05
C ALA A 56 -22.98 -9.71 -2.55
N LEU A 57 -24.09 -9.60 -1.82
CA LEU A 57 -24.63 -8.31 -1.44
C LEU A 57 -24.02 -7.85 -0.17
N PRO A 58 -23.52 -6.65 -0.14
CA PRO A 58 -22.88 -6.22 1.09
C PRO A 58 -23.92 -5.90 2.08
N PHE A 59 -23.54 -6.00 3.34
CA PHE A 59 -24.36 -5.55 4.43
C PHE A 59 -24.54 -4.01 4.32
N GLY A 60 -25.76 -3.57 4.48
CA GLY A 60 -25.93 -2.12 4.27
C GLY A 60 -26.68 -1.87 2.97
N TRP A 61 -26.88 -2.93 2.16
CA TRP A 61 -27.45 -2.82 0.79
C TRP A 61 -29.00 -2.73 0.76
N THR A 62 -29.62 -3.63 1.51
CA THR A 62 -31.06 -3.71 1.62
C THR A 62 -31.36 -3.14 2.99
N GLN A 63 -32.07 -2.02 3.01
CA GLN A 63 -32.17 -1.30 4.26
C GLN A 63 -33.06 -2.01 5.28
N ARG A 64 -33.94 -2.88 4.86
CA ARG A 64 -34.64 -3.74 5.78
C ARG A 64 -33.70 -4.75 6.43
N LYS A 65 -32.67 -5.15 5.73
CA LYS A 65 -31.88 -6.30 6.12
C LYS A 65 -30.95 -5.95 7.28
N THR A 66 -31.07 -6.67 8.38
CA THR A 66 -30.20 -6.40 9.48
C THR A 66 -28.93 -7.29 9.36
N ARG A 67 -27.91 -6.96 10.14
CA ARG A 67 -26.85 -7.89 10.48
C ARG A 67 -27.04 -8.26 11.94
N ASN A 68 -27.36 -9.54 12.21
CA ASN A 68 -27.63 -9.98 13.59
C ASN A 68 -28.74 -9.18 14.30
N GLY A 69 -29.73 -8.75 13.52
CA GLY A 69 -30.93 -8.16 14.08
C GLY A 69 -30.79 -6.65 14.24
N PHE A 70 -29.67 -6.04 13.82
CA PHE A 70 -29.55 -4.55 13.78
C PHE A 70 -29.16 -3.97 12.42
N ARG A 71 -29.67 -2.76 12.11
CA ARG A 71 -29.26 -2.08 10.86
C ARG A 71 -27.78 -1.69 10.97
N VAL A 72 -26.99 -1.84 9.89
CA VAL A 72 -25.59 -1.40 9.97
C VAL A 72 -25.56 0.15 9.81
N PRO A 73 -24.74 0.85 10.59
CA PRO A 73 -24.80 2.29 10.42
C PRO A 73 -24.13 2.71 9.11
N LEU A 74 -24.60 3.82 8.52
CA LEU A 74 -23.88 4.43 7.34
C LEU A 74 -22.38 4.66 7.52
N ALA A 75 -21.57 4.30 6.50
CA ALA A 75 -20.11 4.43 6.55
C ALA A 75 -19.66 5.87 6.83
N ARG A 76 -20.33 6.82 6.21
CA ARG A 76 -20.06 8.24 6.45
C ARG A 76 -20.50 8.72 7.88
N GLU A 77 -21.54 8.07 8.43
CA GLU A 77 -22.00 8.38 9.77
C GLU A 77 -20.93 7.95 10.80
N VAL A 78 -20.43 6.75 10.63
CA VAL A 78 -19.30 6.23 11.44
C VAL A 78 -18.06 7.12 11.34
N SER A 79 -17.68 7.47 10.13
CA SER A 79 -16.68 8.44 9.83
C SER A 79 -16.75 9.75 10.66
N ASN A 80 -17.80 10.52 10.49
CA ASN A 80 -18.07 11.75 11.25
C ASN A 80 -18.10 11.60 12.75
N LYS A 81 -18.87 10.64 13.24
CA LYS A 81 -18.97 10.37 14.65
C LYS A 81 -17.73 9.86 15.37
N ILE A 82 -16.96 9.01 14.70
CA ILE A 82 -15.82 8.35 15.30
C ILE A 82 -14.46 8.74 14.79
N VAL A 83 -14.28 8.77 13.48
CA VAL A 83 -12.99 8.96 12.78
C VAL A 83 -12.48 10.37 12.65
N GLY A 84 -13.37 11.32 12.75
CA GLY A 84 -13.07 12.76 12.53
C GLY A 84 -12.53 13.52 13.74
N TYR A 85 -11.87 14.67 13.48
CA TYR A 85 -11.24 15.54 14.52
C TYR A 85 -10.83 16.85 13.82
N LEU A 86 -10.78 17.91 14.60
CA LEU A 86 -10.49 19.23 14.09
C LEU A 86 -9.09 19.71 14.33
N ASP A 87 -8.53 19.36 15.49
CA ASP A 87 -7.33 19.99 16.00
C ASP A 87 -6.11 19.18 15.62
N GLU A 88 -5.30 19.68 14.69
CA GLU A 88 -4.13 18.92 14.27
C GLU A 88 -2.96 19.11 15.22
N GLU A 89 -3.05 20.09 16.12
CA GLU A 89 -2.03 20.23 17.21
C GLU A 89 -1.81 18.97 18.06
N GLY A 90 -0.56 18.55 18.25
CA GLY A 90 -0.32 17.48 19.25
C GLY A 90 -0.56 16.11 18.63
N VAL A 91 -0.71 16.04 17.32
CA VAL A 91 -1.09 14.75 16.73
C VAL A 91 0.11 13.93 16.23
N LEU A 92 1.33 14.45 16.30
CA LEU A 92 2.43 13.81 15.56
C LEU A 92 3.11 12.74 16.41
N ASP A 93 3.73 11.77 15.75
CA ASP A 93 4.27 10.58 16.37
C ASP A 93 5.66 11.05 16.61
N GLN A 94 6.02 11.13 17.89
CA GLN A 94 7.29 11.65 18.31
C GLN A 94 8.42 10.69 18.00
N ASN A 95 8.15 9.42 17.63
CA ASN A 95 9.22 8.45 17.32
C ASN A 95 9.05 7.62 16.02
N ARG A 96 8.35 8.23 15.07
CA ARG A 96 8.32 7.75 13.70
C ARG A 96 8.39 8.92 12.74
N SER A 97 9.33 8.81 11.79
CA SER A 97 9.50 9.81 10.75
C SER A 97 8.35 9.65 9.78
N LEU A 98 8.11 10.71 8.99
CA LEU A 98 7.19 10.58 7.89
C LEU A 98 7.49 9.43 6.91
N LEU A 99 8.75 9.12 6.69
CA LEU A 99 9.06 7.95 5.92
C LEU A 99 8.46 6.65 6.41
N PHE A 100 8.18 6.48 7.72
CA PHE A 100 7.61 5.23 8.24
C PHE A 100 6.21 5.05 7.61
N MET A 101 5.46 6.15 7.59
CA MET A 101 4.15 6.15 6.92
C MET A 101 4.35 5.84 5.41
N GLN A 102 5.26 6.57 4.77
CA GLN A 102 5.51 6.31 3.39
C GLN A 102 5.87 4.85 2.96
N TRP A 103 6.75 4.20 3.68
CA TRP A 103 7.19 2.80 3.41
C TRP A 103 5.97 1.82 3.48
N GLY A 104 5.11 2.10 4.44
CA GLY A 104 3.89 1.35 4.62
C GLY A 104 3.05 1.32 3.38
N GLN A 105 2.90 2.50 2.79
CA GLN A 105 2.10 2.65 1.59
C GLN A 105 2.77 1.94 0.39
N ILE A 106 4.12 2.03 0.34
CA ILE A 106 4.98 1.30 -0.70
C ILE A 106 4.81 -0.20 -0.57
N VAL A 107 5.00 -0.75 0.64
CA VAL A 107 4.90 -2.18 0.82
C VAL A 107 3.46 -2.58 0.45
N ASP A 108 2.48 -1.84 0.93
CA ASP A 108 1.07 -2.14 0.59
C ASP A 108 0.91 -2.30 -0.91
N HIS A 109 1.53 -1.39 -1.68
CA HIS A 109 1.26 -1.34 -3.09
C HIS A 109 1.96 -2.46 -3.79
N ASP A 110 3.06 -2.97 -3.24
CA ASP A 110 3.73 -4.17 -3.74
C ASP A 110 2.85 -5.41 -3.56
N LEU A 111 1.95 -5.41 -2.57
CA LEU A 111 1.34 -6.66 -2.19
C LEU A 111 -0.09 -6.83 -2.63
N ASP A 112 -0.89 -5.77 -2.69
CA ASP A 112 -2.33 -5.92 -3.01
C ASP A 112 -2.89 -4.71 -3.75
N PHE A 113 -3.77 -5.00 -4.71
CA PHE A 113 -4.57 -3.96 -5.32
C PHE A 113 -5.82 -4.62 -5.78
N ALA A 114 -6.97 -4.13 -5.33
CA ALA A 114 -8.21 -4.69 -5.71
C ALA A 114 -9.03 -3.58 -6.39
N PRO A 115 -8.75 -3.32 -7.68
CA PRO A 115 -9.24 -2.11 -8.31
C PRO A 115 -10.77 -2.17 -8.49
N GLU A 116 -11.43 -1.00 -8.45
CA GLU A 116 -12.89 -0.98 -8.68
C GLU A 116 -13.13 -1.63 -10.04
N THR A 117 -14.33 -2.28 -10.14
CA THR A 117 -14.79 -3.07 -11.30
C THR A 117 -14.42 -2.55 -12.67
N GLU A 118 -14.15 -3.52 -13.58
CA GLU A 118 -13.69 -3.29 -14.96
C GLU A 118 -12.22 -2.87 -15.04
N LEU A 119 -11.36 -3.74 -14.46
CA LEU A 119 -9.91 -3.58 -14.47
C LEU A 119 -9.41 -3.53 -15.96
N GLY A 120 -10.37 -3.83 -16.91
CA GLY A 120 -10.37 -3.98 -18.41
C GLY A 120 -9.27 -3.32 -19.27
N SER A 121 -9.66 -2.65 -20.38
CA SER A 121 -8.67 -1.93 -21.19
C SER A 121 -8.92 -0.40 -21.02
N ASN A 122 -9.84 0.09 -21.87
CA ASN A 122 -10.12 1.50 -21.93
C ASN A 122 -11.59 1.91 -22.25
N GLU A 123 -11.76 3.24 -22.04
CA GLU A 123 -12.95 4.16 -22.13
C GLU A 123 -14.31 3.54 -21.90
N HIS A 124 -14.65 3.53 -20.63
CA HIS A 124 -15.90 2.98 -20.17
C HIS A 124 -16.77 4.06 -19.54
N SER A 125 -17.94 3.69 -19.17
CA SER A 125 -18.95 4.58 -18.80
C SER A 125 -18.71 5.85 -18.08
N LYS A 126 -19.47 6.58 -18.77
CA LYS A 126 -20.04 7.83 -18.64
C LYS A 126 -21.06 7.59 -17.48
N THR A 127 -20.58 7.74 -16.21
CA THR A 127 -21.35 7.32 -15.00
C THR A 127 -22.39 8.23 -14.40
N GLN A 128 -23.54 7.59 -14.24
CA GLN A 128 -24.71 8.11 -13.53
C GLN A 128 -24.58 7.91 -12.02
N CYS A 129 -23.67 7.02 -11.59
CA CYS A 129 -23.47 6.79 -10.15
C CYS A 129 -23.17 8.10 -9.44
N GLU A 130 -22.24 8.90 -10.00
CA GLU A 130 -21.98 10.19 -9.39
C GLU A 130 -23.16 11.13 -9.52
N GLU A 131 -23.81 11.09 -10.69
CA GLU A 131 -24.98 11.90 -11.05
C GLU A 131 -26.09 11.93 -10.00
N TYR A 132 -26.65 10.75 -9.72
CA TYR A 132 -27.94 10.70 -9.06
C TYR A 132 -27.97 9.85 -7.81
N CYS A 133 -26.84 9.20 -7.52
CA CYS A 133 -26.68 8.47 -6.26
C CYS A 133 -27.70 7.32 -6.18
N ILE A 134 -27.83 6.56 -7.27
CA ILE A 134 -28.83 5.45 -7.30
C ILE A 134 -28.04 4.19 -7.16
N GLN A 135 -28.32 3.47 -6.11
CA GLN A 135 -27.53 2.29 -5.83
C GLN A 135 -28.00 1.21 -6.82
N GLY A 136 -27.08 0.48 -7.39
CA GLY A 136 -27.45 -0.61 -8.24
C GLY A 136 -26.28 -1.31 -8.85
N ASP A 137 -26.34 -2.63 -8.97
CA ASP A 137 -25.25 -3.28 -9.61
C ASP A 137 -23.95 -2.88 -8.94
N ASN A 138 -23.00 -2.32 -9.66
CA ASN A 138 -21.71 -1.94 -9.08
C ASN A 138 -21.60 -0.56 -8.48
N CYS A 139 -22.65 0.21 -8.56
CA CYS A 139 -22.73 1.48 -7.92
C CYS A 139 -23.31 1.26 -6.50
N PHE A 140 -22.50 1.60 -5.49
CA PHE A 140 -22.88 1.35 -4.10
C PHE A 140 -22.56 2.70 -3.40
N PRO A 141 -23.36 3.76 -3.69
CA PRO A 141 -23.02 5.11 -3.19
C PRO A 141 -22.96 5.22 -1.65
N ILE A 142 -21.96 5.93 -1.13
CA ILE A 142 -21.89 6.30 0.29
C ILE A 142 -22.83 7.50 0.49
N MET A 143 -23.96 7.27 1.16
CA MET A 143 -25.01 8.27 1.42
C MET A 143 -24.66 9.10 2.63
N PHE A 144 -24.99 10.38 2.61
CA PHE A 144 -24.74 11.25 3.77
C PHE A 144 -25.79 11.08 4.86
N PRO A 145 -25.37 11.03 6.14
CA PRO A 145 -26.43 11.18 7.16
C PRO A 145 -26.95 12.64 7.18
N LYS A 146 -28.22 12.88 7.57
CA LYS A 146 -28.64 14.26 7.78
C LYS A 146 -27.73 14.86 8.86
N ASN A 147 -27.53 16.16 8.79
CA ASN A 147 -26.59 16.85 9.65
C ASN A 147 -25.21 16.84 9.04
N ASP A 148 -25.03 16.10 7.94
CA ASP A 148 -23.68 16.04 7.40
C ASP A 148 -23.50 17.33 6.68
N PRO A 149 -22.52 18.17 7.09
CA PRO A 149 -22.32 19.41 6.32
C PRO A 149 -22.13 19.20 4.78
N LYS A 150 -21.57 18.06 4.37
CA LYS A 150 -21.43 17.78 2.91
C LYS A 150 -22.77 17.76 2.14
N LEU A 151 -23.86 17.54 2.86
CA LEU A 151 -25.21 17.64 2.31
C LEU A 151 -25.54 19.04 1.83
N LYS A 152 -25.05 20.07 2.54
CA LYS A 152 -25.36 21.43 2.16
C LYS A 152 -24.61 21.81 0.88
N THR A 153 -23.47 21.18 0.67
CA THR A 153 -22.44 21.66 -0.24
C THR A 153 -22.09 20.73 -1.43
N GLN A 154 -22.43 19.44 -1.28
CA GLN A 154 -22.03 18.41 -2.23
C GLN A 154 -23.19 17.54 -2.74
N GLY A 155 -24.45 17.79 -2.37
CA GLY A 155 -25.54 16.85 -2.75
C GLY A 155 -25.67 15.66 -1.79
N LYS A 156 -26.31 14.56 -2.23
CA LYS A 156 -26.78 13.49 -1.32
C LYS A 156 -25.78 12.34 -1.05
N CYS A 157 -24.73 12.21 -1.87
CA CYS A 157 -23.81 11.07 -1.70
C CYS A 157 -22.39 11.31 -2.17
N MET A 158 -21.52 10.33 -1.86
CA MET A 158 -20.19 10.19 -2.46
C MET A 158 -20.14 8.95 -3.38
N PRO A 159 -19.69 9.13 -4.66
CA PRO A 159 -19.58 7.91 -5.54
C PRO A 159 -18.77 6.76 -4.90
N PHE A 160 -19.15 5.48 -5.16
CA PHE A 160 -18.40 4.29 -4.71
C PHE A 160 -18.77 3.10 -5.56
N PHE A 161 -17.79 2.61 -6.31
CA PHE A 161 -18.01 1.50 -7.22
C PHE A 161 -17.44 0.23 -6.63
N ARG A 162 -18.21 -0.84 -6.64
CA ARG A 162 -17.74 -2.10 -6.07
C ARG A 162 -16.49 -2.65 -6.77
N ALA A 163 -15.67 -3.40 -6.01
CA ALA A 163 -14.39 -3.91 -6.44
C ALA A 163 -14.66 -4.99 -7.44
N GLY A 164 -13.80 -5.17 -8.44
CA GLY A 164 -13.95 -6.31 -9.39
C GLY A 164 -13.80 -7.66 -8.65
N PHE A 165 -14.31 -8.71 -9.29
CA PHE A 165 -14.30 -10.06 -8.74
C PHE A 165 -14.06 -11.06 -9.86
N VAL A 166 -13.52 -12.21 -9.46
CA VAL A 166 -13.20 -13.24 -10.39
C VAL A 166 -14.46 -13.96 -10.93
N CYS A 167 -14.17 -14.85 -12.04
CA CYS A 167 -15.13 -15.72 -12.95
C CYS A 167 -16.15 -14.63 -13.13
N PRO A 168 -15.71 -13.84 -13.99
CA PRO A 168 -16.05 -12.39 -13.89
C PRO A 168 -17.23 -11.52 -13.62
N THR A 169 -16.99 -10.52 -14.47
CA THR A 169 -17.44 -9.12 -14.23
C THR A 169 -18.91 -8.59 -13.96
N PRO A 170 -19.96 -9.03 -14.72
CA PRO A 170 -21.32 -8.47 -14.40
C PRO A 170 -22.27 -9.18 -13.39
N PRO A 171 -22.65 -10.45 -13.59
CA PRO A 171 -23.60 -11.14 -12.69
C PRO A 171 -23.18 -12.54 -12.20
N TYR A 172 -23.46 -13.02 -10.93
CA TYR A 172 -23.14 -14.41 -10.48
C TYR A 172 -23.77 -14.88 -9.10
N GLN A 173 -23.95 -16.20 -9.01
CA GLN A 173 -24.50 -16.86 -7.80
C GLN A 173 -23.95 -18.24 -7.35
N SER A 174 -24.12 -18.51 -6.05
CA SER A 174 -23.99 -19.85 -5.40
C SER A 174 -22.57 -20.31 -5.01
N LEU A 175 -21.61 -19.44 -5.35
CA LEU A 175 -20.28 -19.38 -4.76
C LEU A 175 -20.11 -17.91 -4.42
N ALA A 176 -19.63 -17.59 -3.23
CA ALA A 176 -19.65 -16.19 -2.81
C ALA A 176 -18.65 -15.44 -3.65
N ARG A 177 -18.89 -14.16 -3.79
CA ARG A 177 -18.11 -13.32 -4.68
C ARG A 177 -16.73 -13.13 -4.12
N GLU A 178 -15.69 -13.31 -4.96
CA GLU A 178 -14.31 -13.17 -4.53
C GLU A 178 -13.64 -12.00 -5.28
N GLN A 179 -13.09 -11.03 -4.56
CA GLN A 179 -12.36 -9.88 -5.18
C GLN A 179 -10.96 -10.28 -5.65
N ILE A 180 -10.45 -9.52 -6.59
CA ILE A 180 -9.20 -9.79 -7.28
C ILE A 180 -8.04 -9.05 -6.65
N ASN A 181 -6.93 -9.76 -6.47
CA ASN A 181 -5.70 -9.08 -6.26
C ASN A 181 -4.92 -8.89 -7.60
N ALA A 182 -4.78 -7.63 -8.04
CA ALA A 182 -4.22 -7.31 -9.35
C ALA A 182 -2.72 -7.33 -9.36
N VAL A 183 -2.07 -7.47 -8.20
CA VAL A 183 -0.56 -7.48 -8.22
C VAL A 183 -0.05 -8.76 -7.57
N THR A 184 1.26 -8.98 -7.63
CA THR A 184 1.81 -10.21 -7.14
C THR A 184 1.86 -10.18 -5.61
N SER A 185 1.40 -11.29 -5.01
CA SER A 185 1.37 -11.42 -3.56
C SER A 185 2.72 -11.43 -2.91
N PHE A 186 3.73 -11.83 -3.69
CA PHE A 186 5.12 -11.77 -3.26
C PHE A 186 5.62 -10.34 -3.07
N LEU A 187 6.52 -10.15 -2.09
CA LEU A 187 7.19 -8.88 -1.88
C LEU A 187 8.39 -8.87 -2.79
N ASP A 188 8.18 -8.31 -4.00
CA ASP A 188 9.02 -8.61 -5.15
C ASP A 188 9.33 -7.40 -6.05
N ALA A 189 9.16 -6.18 -5.51
CA ALA A 189 9.30 -4.91 -6.26
C ALA A 189 8.33 -4.85 -7.47
N SER A 190 7.20 -5.55 -7.38
CA SER A 190 6.21 -5.48 -8.46
C SER A 190 5.74 -4.05 -8.62
N LEU A 191 5.80 -3.23 -7.59
CA LEU A 191 5.41 -1.83 -7.77
C LEU A 191 6.39 -1.03 -8.68
N VAL A 192 7.59 -1.57 -8.85
CA VAL A 192 8.55 -0.92 -9.74
C VAL A 192 8.55 -1.48 -11.17
N TYR A 193 8.36 -2.79 -11.29
CA TYR A 193 8.51 -3.45 -12.57
C TYR A 193 7.18 -3.80 -13.26
N GLY A 194 6.04 -3.69 -12.55
CA GLY A 194 4.78 -4.18 -13.08
C GLY A 194 4.46 -5.62 -12.63
N SER A 195 3.19 -5.98 -12.71
CA SER A 195 2.73 -7.36 -12.43
C SER A 195 2.13 -8.08 -13.67
N GLU A 196 2.15 -7.42 -14.84
CA GLU A 196 1.67 -7.94 -16.14
C GLU A 196 2.83 -7.75 -17.17
N PRO A 197 3.00 -8.70 -18.12
CA PRO A 197 4.20 -8.61 -19.03
C PRO A 197 4.16 -7.38 -19.97
N LEU A 199 2.89 -4.24 -19.12
CA LEU A 199 3.46 -3.07 -18.48
C LEU A 199 4.95 -3.22 -18.18
N ALA A 200 5.38 -4.42 -17.78
CA ALA A 200 6.78 -4.68 -17.51
C ALA A 200 7.67 -4.29 -18.69
N SER A 201 7.29 -4.62 -19.92
CA SER A 201 8.20 -4.33 -21.04
C SER A 201 8.22 -2.84 -21.38
N ARG A 202 7.04 -2.20 -21.28
CA ARG A 202 6.85 -0.77 -21.54
C ARG A 202 7.61 0.16 -20.60
N LEU A 203 7.97 -0.34 -19.40
CA LEU A 203 8.69 0.46 -18.38
C LEU A 203 10.18 0.31 -18.61
N ARG A 204 10.53 -0.70 -19.39
CA ARG A 204 11.93 -0.94 -19.72
C ARG A 204 12.44 -0.09 -20.86
N ASN A 205 13.75 0.17 -20.80
CA ASN A 205 14.45 0.81 -21.90
C ASN A 205 15.21 -0.26 -22.70
N LEU A 206 14.58 -0.72 -23.76
CA LEU A 206 15.14 -1.74 -24.63
C LEU A 206 15.97 -1.20 -25.82
N SER A 207 16.04 0.13 -25.97
CA SER A 207 16.79 0.75 -27.07
C SER A 207 18.30 0.62 -26.92
N SER A 208 18.71 0.23 -25.72
CA SER A 208 20.12 0.05 -25.41
C SER A 208 20.26 -1.24 -24.59
N PRO A 209 21.25 -2.10 -24.93
CA PRO A 209 21.41 -3.41 -24.27
C PRO A 209 21.85 -3.30 -22.79
N LEU A 210 21.55 -2.18 -22.13
CA LEU A 210 22.06 -1.89 -20.79
C LEU A 210 21.15 -2.41 -19.63
N GLY A 211 19.92 -2.79 -19.94
CA GLY A 211 19.05 -3.37 -18.94
C GLY A 211 18.55 -2.31 -18.00
N LEU A 212 18.19 -1.16 -18.58
CA LEU A 212 17.74 0.00 -17.84
C LEU A 212 16.23 0.14 -17.95
N MET A 213 15.65 0.77 -16.92
CA MET A 213 14.26 1.11 -16.91
C MET A 213 14.19 2.45 -17.60
N ALA A 214 13.10 2.67 -18.34
CA ALA A 214 12.88 3.94 -19.05
C ALA A 214 12.77 5.11 -18.07
N VAL A 215 13.38 6.23 -18.45
CA VAL A 215 13.33 7.47 -17.65
C VAL A 215 12.67 8.61 -18.41
N ASN A 216 12.21 9.61 -17.68
CA ASN A 216 11.61 10.77 -18.30
C ASN A 216 12.58 11.41 -19.29
N GLN A 217 12.00 11.91 -20.38
CA GLN A 217 12.69 12.43 -21.57
C GLN A 217 12.46 13.93 -21.70
N GLU A 218 11.66 14.53 -20.81
CA GLU A 218 11.25 15.93 -20.87
C GLU A 218 11.94 16.73 -19.75
N ALA A 219 12.32 16.01 -18.70
CA ALA A 219 12.72 16.60 -17.42
C ALA A 219 13.66 15.68 -16.65
N TRP A 220 14.65 16.32 -16.01
CA TRP A 220 15.71 15.73 -15.21
C TRP A 220 15.81 16.46 -13.89
N ASP A 221 16.36 15.82 -12.88
CA ASP A 221 16.38 16.34 -11.52
C ASP A 221 17.81 16.60 -11.20
N HIS A 222 18.27 17.81 -11.50
CA HIS A 222 19.68 18.17 -11.41
C HIS A 222 20.52 17.04 -12.01
N GLY A 223 20.33 16.75 -13.28
CA GLY A 223 21.01 15.63 -13.92
C GLY A 223 20.62 14.20 -13.47
N LEU A 224 19.59 14.03 -12.65
CA LEU A 224 19.16 12.66 -12.26
C LEU A 224 17.74 12.31 -12.76
N ALA A 225 17.47 11.02 -12.89
CA ALA A 225 16.27 10.55 -13.56
C ALA A 225 14.95 10.84 -12.85
N TYR A 226 13.93 11.06 -13.65
CA TYR A 226 12.54 11.00 -13.23
C TYR A 226 11.87 9.78 -13.85
N LEU A 227 10.81 9.30 -13.21
CA LEU A 227 9.90 8.34 -13.87
C LEU A 227 9.39 8.86 -15.23
N PRO A 228 9.17 7.96 -16.20
CA PRO A 228 8.52 8.38 -17.43
C PRO A 228 7.16 8.97 -17.13
N PHE A 229 6.67 9.87 -17.99
CA PHE A 229 5.30 10.32 -17.86
C PHE A 229 4.40 9.25 -18.40
N ASN A 230 3.16 9.15 -17.92
CA ASN A 230 2.16 8.34 -18.57
C ASN A 230 1.33 9.18 -19.55
N ASN A 231 1.42 8.89 -20.84
CA ASN A 231 0.71 9.72 -21.84
C ASN A 231 -0.80 9.38 -22.07
N LYS A 232 -1.40 8.66 -21.12
CA LYS A 232 -2.82 8.30 -21.10
C LYS A 232 -3.75 9.50 -20.73
N LYS A 233 -4.92 9.55 -21.37
CA LYS A 233 -5.98 10.53 -21.09
C LYS A 233 -7.27 9.84 -20.53
N PRO A 234 -7.95 10.48 -19.55
CA PRO A 234 -7.57 11.76 -18.92
C PRO A 234 -6.58 11.53 -17.81
N SER A 235 -5.81 12.55 -17.48
CA SER A 235 -4.86 12.46 -16.43
C SER A 235 -5.36 13.25 -15.21
N PRO A 236 -5.36 12.60 -14.04
CA PRO A 236 -5.73 13.39 -12.89
C PRO A 236 -4.61 14.33 -12.48
N CYS A 237 -3.38 14.07 -12.87
CA CYS A 237 -2.30 14.93 -12.45
C CYS A 237 -2.30 16.20 -13.27
N GLU A 238 -2.79 16.11 -14.52
CA GLU A 238 -3.17 17.26 -15.33
C GLU A 238 -4.44 17.96 -14.79
N PHE A 239 -5.47 17.20 -14.48
CA PHE A 239 -6.73 17.75 -13.99
C PHE A 239 -6.53 18.72 -12.78
N ILE A 240 -5.59 18.41 -11.90
CA ILE A 240 -5.26 19.23 -10.74
C ILE A 240 -4.63 20.62 -10.97
N ASN A 241 -3.75 20.73 -11.95
CA ASN A 241 -3.24 22.02 -12.42
C ASN A 241 -3.24 22.09 -13.96
N THR A 242 -4.32 22.57 -14.54
CA THR A 242 -4.40 22.62 -16.00
C THR A 242 -3.34 23.53 -16.60
N THR A 243 -2.97 24.55 -15.88
CA THR A 243 -1.95 25.46 -16.33
C THR A 243 -0.65 24.73 -16.55
N ALA A 244 -0.29 23.90 -15.57
CA ALA A 244 1.03 23.32 -15.51
C ALA A 244 1.13 22.13 -16.48
N ARG A 245 0.00 21.46 -16.68
CA ARG A 245 -0.13 20.30 -17.60
C ARG A 245 1.04 19.36 -17.37
N VAL A 246 1.22 18.88 -16.15
CA VAL A 246 2.25 17.90 -15.90
C VAL A 246 1.52 16.59 -15.61
N PRO A 247 1.75 15.55 -16.46
CA PRO A 247 1.06 14.29 -16.20
C PRO A 247 1.55 13.48 -14.99
N CYS A 248 0.81 12.43 -14.71
CA CYS A 248 1.20 11.42 -13.83
C CYS A 248 2.39 10.65 -14.36
N PHE A 249 2.97 9.90 -13.43
CA PHE A 249 4.14 9.14 -13.71
C PHE A 249 3.71 7.77 -14.14
N LEU A 250 4.58 7.11 -14.89
CA LEU A 250 4.35 5.72 -15.28
C LEU A 250 5.26 4.82 -14.43
N ALA A 251 4.67 3.92 -13.70
CA ALA A 251 5.45 3.13 -12.75
C ALA A 251 4.92 1.71 -12.82
N GLY A 252 5.61 0.79 -12.16
CA GLY A 252 5.14 -0.59 -12.08
C GLY A 252 3.79 -0.75 -11.42
N ASP A 253 3.39 0.22 -10.58
CA ASP A 253 2.06 0.16 -10.00
C ASP A 253 1.27 1.37 -10.41
N PHE A 254 -0.02 1.22 -10.69
CA PHE A 254 -0.80 2.34 -11.21
C PHE A 254 -1.11 3.50 -10.26
N ARG A 255 -0.89 3.32 -8.97
CA ARG A 255 -1.25 4.34 -7.98
C ARG A 255 -0.11 5.29 -7.64
N ALA A 256 1.05 5.14 -8.31
CA ALA A 256 2.27 5.85 -7.93
C ALA A 256 2.15 7.34 -7.79
N SER A 257 1.20 7.96 -8.48
CA SER A 257 1.06 9.40 -8.40
C SER A 257 -0.04 9.87 -7.44
N GLU A 258 -0.58 8.96 -6.64
CA GLU A 258 -1.65 9.28 -5.79
C GLU A 258 -1.31 10.44 -4.84
N GLN A 259 -0.11 10.49 -4.27
CA GLN A 259 0.32 11.68 -3.57
C GLN A 259 1.82 11.80 -3.83
N ILE A 260 2.32 13.01 -3.65
CA ILE A 260 3.68 13.35 -4.09
C ILE A 260 4.85 12.60 -3.42
N LEU A 261 4.63 12.18 -2.15
CA LEU A 261 5.67 11.42 -1.42
C LEU A 261 5.76 9.95 -1.91
N LEU A 262 4.66 9.40 -2.38
CA LEU A 262 4.63 8.03 -3.00
C LEU A 262 5.35 8.11 -4.33
N ALA A 263 5.14 9.20 -5.09
CA ALA A 263 5.72 9.34 -6.45
C ALA A 263 7.19 9.53 -6.22
N THR A 264 7.54 10.36 -5.24
CA THR A 264 8.92 10.45 -4.70
C THR A 264 9.56 9.10 -4.36
N ALA A 265 8.92 8.31 -3.49
CA ALA A 265 9.47 7.00 -3.16
C ALA A 265 9.67 6.16 -4.41
N HIS A 266 8.72 6.15 -5.34
CA HIS A 266 8.87 5.36 -6.56
C HIS A 266 10.12 5.85 -7.35
N THR A 267 10.38 7.16 -7.33
CA THR A 267 11.45 7.78 -8.15
C THR A 267 12.80 7.32 -7.62
N LEU A 268 12.93 7.23 -6.29
CA LEU A 268 14.16 6.69 -5.73
C LEU A 268 14.45 5.24 -6.10
N LEU A 269 13.40 4.43 -6.23
CA LEU A 269 13.51 2.96 -6.42
C LEU A 269 13.97 2.68 -7.83
N LEU A 270 13.39 3.39 -8.76
CA LEU A 270 13.75 3.30 -10.12
C LEU A 270 15.21 3.75 -10.30
N ARG A 271 15.57 4.84 -9.66
CA ARG A 271 16.93 5.36 -9.74
C ARG A 271 17.89 4.27 -9.32
N GLU A 272 17.58 3.63 -8.18
CA GLU A 272 18.35 2.49 -7.70
C GLU A 272 18.42 1.39 -8.77
N HIS A 273 17.31 1.03 -9.42
CA HIS A 273 17.43 0.08 -10.54
C HIS A 273 18.59 0.37 -11.54
N ASN A 274 18.56 1.57 -12.13
CA ASN A 274 19.50 1.96 -13.16
C ASN A 274 20.88 2.10 -12.56
N ARG A 275 20.94 2.56 -11.31
CA ARG A 275 22.25 2.64 -10.69
C ARG A 275 22.82 1.22 -10.60
N LEU A 276 21.89 0.29 -10.36
CA LEU A 276 22.23 -1.12 -10.21
C LEU A 276 22.64 -1.75 -11.53
N ALA A 277 21.85 -1.51 -12.59
CA ALA A 277 22.15 -2.03 -13.91
C ALA A 277 23.46 -1.45 -14.47
N ARG A 278 23.79 -0.23 -14.03
CA ARG A 278 25.05 0.38 -14.49
C ARG A 278 26.23 -0.32 -13.87
N GLU A 279 26.12 -0.62 -12.58
CA GLU A 279 27.28 -1.15 -11.84
C GLU A 279 27.64 -2.58 -12.25
N LEU A 280 26.62 -3.43 -12.32
CA LEU A 280 26.74 -4.80 -12.84
C LEU A 280 27.43 -4.88 -14.20
N LYS A 281 27.20 -3.90 -15.06
CA LYS A 281 27.85 -3.84 -16.37
C LYS A 281 29.36 -3.56 -16.16
N LYS A 282 29.72 -2.65 -15.25
CA LYS A 282 31.13 -2.37 -15.03
C LYS A 282 31.88 -3.67 -14.66
N LEU A 283 31.31 -4.40 -13.74
CA LEU A 283 31.84 -5.65 -13.17
C LEU A 283 31.66 -6.89 -14.09
N ASN A 284 30.71 -6.79 -15.04
CA ASN A 284 30.40 -7.84 -16.02
C ASN A 284 30.00 -7.26 -17.41
N PRO A 285 31.02 -6.83 -18.21
CA PRO A 285 30.76 -6.13 -19.48
C PRO A 285 30.19 -7.08 -20.53
N HIS A 286 30.33 -8.39 -20.27
CA HIS A 286 29.85 -9.42 -21.16
C HIS A 286 28.36 -9.63 -21.04
N TRP A 287 27.80 -9.32 -19.86
CA TRP A 287 26.37 -9.54 -19.54
C TRP A 287 25.45 -8.76 -20.49
N ASN A 288 24.40 -9.41 -20.99
CA ASN A 288 23.46 -8.77 -21.90
C ASN A 288 22.33 -8.00 -21.18
N GLY A 289 21.59 -7.17 -21.93
CA GLY A 289 20.45 -6.46 -21.39
C GLY A 289 19.60 -7.24 -20.40
N GLU A 290 18.91 -8.26 -20.94
CA GLU A 290 17.98 -9.09 -20.19
C GLU A 290 18.64 -9.50 -18.89
N LYS A 291 19.90 -9.88 -18.98
CA LYS A 291 20.65 -10.22 -17.79
C LYS A 291 20.69 -9.03 -16.83
N LEU A 292 21.29 -7.92 -17.22
CA LEU A 292 21.49 -6.79 -16.32
C LEU A 292 20.17 -6.37 -15.64
N TYR A 293 19.09 -6.31 -16.41
CA TYR A 293 17.79 -6.03 -15.88
C TYR A 293 17.31 -7.08 -14.85
N GLN A 294 17.45 -8.37 -15.12
CA GLN A 294 16.98 -9.32 -14.12
C GLN A 294 17.81 -9.16 -12.82
N GLU A 295 19.14 -9.15 -12.94
CA GLU A 295 19.99 -9.20 -11.76
C GLU A 295 19.83 -7.96 -10.91
N ALA A 296 19.71 -6.80 -11.55
CA ALA A 296 19.36 -5.57 -10.83
C ALA A 296 18.02 -5.73 -10.06
N ARG A 297 16.97 -6.10 -10.82
CA ARG A 297 15.58 -6.23 -10.35
C ARG A 297 15.52 -7.20 -9.19
N LYS A 298 16.36 -8.24 -9.25
CA LYS A 298 16.45 -9.25 -8.18
C LYS A 298 17.12 -8.60 -6.94
N ILE A 299 18.22 -7.87 -7.11
CA ILE A 299 18.82 -7.11 -6.01
C ILE A 299 17.80 -6.09 -5.40
N LEU A 300 17.14 -5.32 -6.25
CA LEU A 300 16.10 -4.41 -5.76
C LEU A 300 14.99 -5.08 -4.95
N GLY A 301 14.58 -6.25 -5.38
CA GLY A 301 13.51 -6.98 -4.68
C GLY A 301 13.94 -7.41 -3.28
N ALA A 302 15.17 -7.91 -3.20
CA ALA A 302 15.87 -8.20 -1.95
C ALA A 302 16.02 -7.00 -1.01
N PHE A 303 16.19 -5.78 -1.58
CA PHE A 303 16.41 -4.62 -0.74
C PHE A 303 15.05 -4.29 -0.08
N ILE A 304 13.96 -4.47 -0.81
CA ILE A 304 12.61 -4.09 -0.35
C ILE A 304 12.20 -5.10 0.74
N GLN A 305 12.47 -6.39 0.49
CA GLN A 305 12.17 -7.43 1.47
C GLN A 305 12.93 -7.15 2.77
N ILE A 306 14.21 -6.84 2.68
CA ILE A 306 15.00 -6.67 3.89
C ILE A 306 14.61 -5.39 4.63
N ILE A 307 14.47 -4.29 3.91
CA ILE A 307 14.00 -3.05 4.55
C ILE A 307 12.68 -3.25 5.28
N THR A 308 11.77 -3.98 4.64
CA THR A 308 10.42 -4.24 5.19
C THR A 308 10.53 -5.15 6.41
N PHE A 309 11.25 -6.26 6.26
CA PHE A 309 11.29 -7.26 7.34
C PHE A 309 12.23 -6.99 8.46
N ARG A 310 13.37 -6.40 8.13
CA ARG A 310 14.36 -6.05 9.14
C ARG A 310 14.09 -4.71 9.87
N ASP A 311 13.67 -3.69 9.14
CA ASP A 311 13.42 -2.37 9.71
C ASP A 311 11.96 -1.95 9.98
N TYR A 312 11.07 -2.20 9.05
CA TYR A 312 9.71 -1.78 9.19
C TYR A 312 8.84 -2.60 10.07
N LEU A 313 8.76 -3.87 9.82
CA LEU A 313 7.86 -4.72 10.55
C LEU A 313 8.15 -4.78 12.03
N PRO A 314 9.40 -4.85 12.46
CA PRO A 314 9.54 -4.84 13.90
C PRO A 314 8.98 -3.59 14.62
N ILE A 315 8.97 -2.41 13.96
CA ILE A 315 8.45 -1.18 14.58
C ILE A 315 6.95 -0.92 14.26
N VAL A 316 6.37 -1.77 13.45
CA VAL A 316 4.89 -1.88 13.40
C VAL A 316 4.35 -2.85 14.46
N LEU A 317 4.88 -4.07 14.49
CA LEU A 317 4.26 -5.16 15.28
C LEU A 317 4.75 -5.21 16.73
N GLY A 318 5.89 -4.55 16.99
CA GLY A 318 6.45 -4.45 18.32
C GLY A 318 6.63 -5.81 18.92
N SER A 319 6.14 -5.96 20.15
CA SER A 319 6.34 -7.16 20.95
C SER A 319 5.61 -8.32 20.30
N GLU A 320 4.95 -8.08 19.17
CA GLU A 320 4.18 -9.18 18.61
C GLU A 320 4.97 -9.72 17.43
N MET A 321 6.03 -8.99 17.06
CA MET A 321 6.84 -9.39 15.91
C MET A 321 7.24 -10.89 16.02
N GLN A 322 7.96 -11.24 17.07
CA GLN A 322 8.41 -12.63 17.25
C GLN A 322 7.30 -13.65 17.32
N LYS A 323 6.19 -13.30 17.96
CA LYS A 323 4.98 -14.13 18.05
C LYS A 323 4.44 -14.62 16.69
N TRP A 324 4.41 -13.71 15.71
CA TRP A 324 3.84 -14.02 14.37
C TRP A 324 4.89 -14.22 13.32
N ILE A 325 6.06 -13.63 13.49
CA ILE A 325 7.10 -13.79 12.46
C ILE A 325 8.41 -14.19 13.11
N PRO A 326 8.60 -15.46 13.38
CA PRO A 326 9.81 -15.93 14.01
C PRO A 326 10.99 -15.89 13.08
N PRO A 327 12.19 -16.04 13.57
CA PRO A 327 13.31 -15.98 12.65
C PRO A 327 13.16 -17.06 11.61
N TYR A 328 13.60 -16.72 10.42
CA TYR A 328 13.44 -17.47 9.20
C TYR A 328 14.08 -18.83 9.16
N GLN A 329 13.39 -19.80 8.58
CA GLN A 329 13.94 -21.18 8.49
C GLN A 329 13.81 -21.82 7.12
N GLY A 330 13.86 -20.98 6.08
CA GLY A 330 13.84 -21.46 4.74
C GLY A 330 12.44 -21.45 4.16
N TYR A 331 12.41 -21.74 2.88
CA TYR A 331 11.22 -21.93 2.09
C TYR A 331 10.40 -23.16 2.52
N ASN A 332 9.09 -22.92 2.70
CA ASN A 332 8.12 -23.98 2.99
C ASN A 332 7.07 -23.95 1.87
N ASN A 333 7.06 -24.97 1.01
CA ASN A 333 6.08 -24.99 -0.09
C ASN A 333 4.66 -25.33 0.32
N SER A 334 4.43 -25.67 1.59
CA SER A 334 3.09 -25.93 2.15
C SER A 334 2.38 -24.64 2.52
N VAL A 335 3.11 -23.53 2.59
CA VAL A 335 2.51 -22.24 2.99
C VAL A 335 1.83 -21.56 1.80
N ASP A 336 0.64 -21.02 2.06
CA ASP A 336 -0.10 -20.18 1.14
C ASP A 336 0.51 -18.74 1.15
N PRO A 337 1.12 -18.32 0.03
CA PRO A 337 1.67 -16.98 0.04
C PRO A 337 0.67 -15.95 -0.49
N ARG A 338 -0.56 -16.33 -0.83
CA ARG A 338 -1.59 -15.33 -1.32
C ARG A 338 -1.99 -14.27 -0.27
N ILE A 339 -2.23 -13.04 -0.72
CA ILE A 339 -2.61 -12.00 0.18
C ILE A 339 -4.10 -12.29 0.48
N SER A 340 -4.50 -12.24 1.72
CA SER A 340 -5.90 -12.39 2.08
C SER A 340 -6.68 -11.15 1.89
N ASN A 341 -8.01 -11.32 1.80
CA ASN A 341 -8.86 -10.18 1.64
C ASN A 341 -8.78 -9.22 2.87
N VAL A 342 -8.77 -9.82 4.06
CA VAL A 342 -8.68 -9.06 5.30
C VAL A 342 -7.44 -8.22 5.46
N PHE A 343 -6.27 -8.77 5.10
CA PHE A 343 -5.02 -8.03 5.10
C PHE A 343 -5.18 -6.69 4.36
N THR A 344 -5.93 -6.71 3.25
CA THR A 344 -6.07 -5.51 2.44
C THR A 344 -6.73 -4.40 3.22
N PHE A 345 -7.47 -4.78 4.27
CA PHE A 345 -8.10 -3.79 5.22
C PHE A 345 -7.29 -3.53 6.45
N ALA A 346 -6.67 -4.60 6.93
CA ALA A 346 -5.78 -4.54 8.07
C ALA A 346 -4.67 -3.55 7.78
N PHE A 347 -4.15 -3.58 6.53
CA PHE A 347 -2.91 -2.78 6.21
C PHE A 347 -3.38 -1.33 6.03
N ARG A 348 -4.71 -1.08 5.99
CA ARG A 348 -5.11 0.33 5.98
C ARG A 348 -5.00 1.03 7.32
N PHE A 349 -4.31 0.41 8.28
CA PHE A 349 -3.88 1.16 9.47
C PHE A 349 -3.05 2.43 9.18
N GLY A 350 -2.32 2.37 8.07
CA GLY A 350 -1.57 3.52 7.56
C GLY A 350 -2.36 4.76 7.41
N HIS A 351 -3.66 4.67 7.13
CA HIS A 351 -4.43 5.92 6.99
C HIS A 351 -4.46 6.85 8.19
N MET A 352 -4.30 6.25 9.38
CA MET A 352 -4.29 6.95 10.64
C MET A 352 -2.92 7.55 10.90
N GLU A 353 -1.97 7.23 10.02
CA GLU A 353 -0.60 7.73 10.20
C GLU A 353 -0.26 8.88 9.27
N VAL A 354 -1.22 9.36 8.50
CA VAL A 354 -0.91 10.34 7.45
C VAL A 354 -1.20 11.69 8.07
N PRO A 355 -0.19 12.54 8.12
CA PRO A 355 -0.36 13.83 8.80
C PRO A 355 -1.00 14.86 7.87
N SER A 356 -1.29 16.08 8.36
CA SER A 356 -2.11 16.98 7.51
C SER A 356 -1.31 17.82 6.51
N THR A 357 0.01 17.78 6.54
CA THR A 357 0.82 18.64 5.64
C THR A 357 2.14 17.89 5.19
N VAL A 358 2.80 18.43 4.19
CA VAL A 358 4.00 17.89 3.64
C VAL A 358 4.87 19.13 3.45
N SER A 359 6.13 18.98 3.81
CA SER A 359 7.11 20.05 3.72
C SER A 359 8.24 19.72 2.72
N ARG A 360 8.90 20.81 2.28
CA ARG A 360 10.10 20.78 1.45
C ARG A 360 11.19 21.42 2.31
N LEU A 361 12.29 20.71 2.45
CA LEU A 361 13.36 21.28 3.24
C LEU A 361 14.59 21.42 2.39
N ASP A 362 15.39 22.44 2.69
CA ASP A 362 16.68 22.64 1.99
C ASP A 362 17.88 21.86 2.55
N GLU A 363 19.04 22.02 1.91
CA GLU A 363 20.33 21.50 2.45
C GLU A 363 20.58 21.67 3.94
N ASN A 364 20.16 22.77 4.52
CA ASN A 364 20.24 22.91 5.97
C ASN A 364 18.97 22.40 6.67
N TYR A 365 18.12 21.69 5.93
CA TYR A 365 16.93 21.05 6.48
C TYR A 365 16.01 22.07 7.08
N GLN A 366 16.09 23.28 6.55
CA GLN A 366 15.17 24.33 6.94
C GLN A 366 14.17 24.54 5.79
N PRO A 367 13.05 25.25 6.05
CA PRO A 367 12.05 25.33 4.98
C PRO A 367 12.59 25.77 3.60
N TRP A 368 12.13 25.08 2.56
CA TRP A 368 12.54 25.32 1.19
C TRP A 368 11.57 26.37 0.57
N GLY A 369 12.06 27.58 0.35
CA GLY A 369 11.21 28.62 -0.24
C GLY A 369 10.07 29.07 0.67
N PRO A 370 9.22 29.90 0.14
CA PRO A 370 8.11 30.51 0.88
C PRO A 370 6.82 29.73 1.03
N GLU A 371 6.68 28.64 0.29
CA GLU A 371 5.51 27.79 0.42
C GLU A 371 6.01 26.37 0.68
N ALA A 372 6.99 26.28 1.55
CA ALA A 372 7.68 25.04 1.85
C ALA A 372 6.73 24.03 2.44
N GLU A 373 5.84 24.47 3.28
CA GLU A 373 4.90 23.61 3.90
C GLU A 373 3.58 23.64 3.11
N LEU A 374 3.00 22.47 2.73
CA LEU A 374 1.73 22.46 1.97
C LEU A 374 0.69 21.54 2.59
N PRO A 375 -0.58 21.85 2.40
CA PRO A 375 -1.60 21.01 2.98
C PRO A 375 -1.67 19.77 2.12
N LEU A 376 -1.80 18.62 2.75
CA LEU A 376 -1.69 17.33 2.04
C LEU A 376 -2.69 17.28 0.87
N HIS A 377 -3.92 17.75 1.07
CA HIS A 377 -4.88 17.62 0.00
C HIS A 377 -4.50 18.29 -1.33
N THR A 378 -3.80 19.41 -1.32
CA THR A 378 -3.31 19.97 -2.60
C THR A 378 -2.22 19.09 -3.23
N LEU A 379 -1.88 17.93 -2.64
CA LEU A 379 -0.78 17.12 -3.16
C LEU A 379 -1.18 15.72 -3.71
N PHE A 380 -2.48 15.48 -3.77
CA PHE A 380 -3.03 14.32 -4.44
C PHE A 380 -2.90 14.55 -5.98
N PHE A 381 -2.44 13.51 -6.66
CA PHE A 381 -2.18 13.53 -8.09
C PHE A 381 -1.35 14.75 -8.53
N ASN A 382 -0.42 15.14 -7.67
CA ASN A 382 0.40 16.28 -7.90
C ASN A 382 1.84 15.91 -8.31
N THR A 383 2.18 16.02 -9.59
CA THR A 383 3.57 15.79 -9.98
C THR A 383 4.26 17.05 -10.44
N TRP A 384 3.49 18.10 -10.67
CA TRP A 384 4.09 19.37 -11.06
C TRP A 384 4.95 20.00 -9.96
N ARG A 385 4.60 19.73 -8.68
CA ARG A 385 5.39 20.25 -7.55
C ARG A 385 6.71 19.58 -7.52
N ILE A 386 6.80 18.38 -8.07
CA ILE A 386 8.09 17.72 -8.21
C ILE A 386 8.92 18.35 -9.37
N ILE A 387 8.34 18.40 -10.57
CA ILE A 387 9.03 18.71 -11.81
C ILE A 387 9.38 20.18 -11.94
N LYS A 388 8.46 21.02 -11.51
CA LYS A 388 8.55 22.47 -11.65
C LYS A 388 8.88 23.19 -10.35
N ASP A 389 8.85 22.48 -9.22
CA ASP A 389 9.01 23.11 -7.91
C ASP A 389 10.14 22.47 -7.02
N GLY A 390 11.21 21.98 -7.65
CA GLY A 390 12.42 21.58 -6.91
C GLY A 390 13.00 20.17 -6.95
N GLY A 391 12.36 19.26 -7.70
CA GLY A 391 12.84 17.88 -7.76
C GLY A 391 12.46 17.07 -6.52
N ILE A 392 13.10 15.94 -6.31
CA ILE A 392 12.66 15.15 -5.15
C ILE A 392 13.51 15.42 -3.89
N ASP A 393 14.69 16.02 -4.04
CA ASP A 393 15.51 16.27 -2.83
C ASP A 393 14.78 16.98 -1.64
N PRO A 394 14.10 18.12 -1.89
CA PRO A 394 13.44 18.78 -0.74
C PRO A 394 12.32 17.96 -0.10
N LEU A 395 11.65 17.10 -0.88
CA LEU A 395 10.58 16.27 -0.35
C LEU A 395 11.14 15.10 0.45
N VAL A 396 12.32 14.62 0.01
CA VAL A 396 12.99 13.48 0.66
C VAL A 396 13.50 13.95 2.00
N ARG A 397 14.09 15.13 2.06
CA ARG A 397 14.42 15.74 3.32
C ARG A 397 13.24 15.82 4.31
N GLY A 398 12.07 16.20 3.84
CA GLY A 398 10.91 16.16 4.70
C GLY A 398 10.56 14.78 5.19
N LEU A 399 10.64 13.75 4.32
CA LEU A 399 10.44 12.39 4.77
C LEU A 399 11.31 12.03 5.92
N LEU A 400 12.50 12.63 5.96
CA LEU A 400 13.51 12.23 6.97
C LEU A 400 13.31 12.96 8.28
N ALA A 401 12.96 14.25 8.17
CA ALA A 401 13.00 15.11 9.35
C ALA A 401 11.59 15.52 9.82
N LYS A 402 10.56 15.21 9.04
CA LYS A 402 9.18 15.43 9.52
C LYS A 402 8.63 14.10 10.05
N LYS A 403 7.49 14.14 10.74
CA LYS A 403 6.99 12.95 11.44
C LYS A 403 5.70 12.44 10.85
N SER A 404 5.51 11.12 10.98
CA SER A 404 4.22 10.54 10.78
C SER A 404 3.19 11.10 11.78
N LYS A 405 1.90 10.93 11.44
CA LYS A 405 0.87 11.19 12.39
C LYS A 405 0.86 9.96 13.27
N LEU A 406 0.59 10.16 14.55
CA LEU A 406 0.32 9.03 15.49
C LEU A 406 -1.18 8.68 15.49
N MET A 407 -1.51 7.38 15.42
CA MET A 407 -2.91 6.99 15.59
C MET A 407 -3.41 7.45 16.95
N ASN A 408 -4.67 7.82 17.01
CA ASN A 408 -5.20 8.37 18.24
C ASN A 408 -6.67 8.09 18.28
N GLN A 409 -7.12 7.40 19.32
CA GLN A 409 -8.56 7.03 19.43
C GLN A 409 -9.54 8.23 19.31
N ASP A 410 -9.07 9.42 19.63
CA ASP A 410 -9.94 10.62 19.48
C ASP A 410 -9.60 11.48 18.25
N LYS A 411 -8.55 11.12 17.49
CA LYS A 411 -8.13 11.87 16.29
C LYS A 411 -7.59 10.81 15.30
N MET A 412 -8.52 10.05 14.70
CA MET A 412 -8.18 8.89 13.85
C MET A 412 -7.60 9.17 12.42
N VAL A 413 -8.36 9.95 11.61
CA VAL A 413 -7.90 10.27 10.24
C VAL A 413 -8.03 11.79 9.95
N THR A 414 -6.90 12.42 9.53
CA THR A 414 -6.88 13.86 9.20
C THR A 414 -7.96 14.13 8.17
N SER A 415 -8.60 15.24 8.39
CA SER A 415 -9.53 15.81 7.42
C SER A 415 -9.00 15.99 5.96
N GLU A 416 -7.69 16.11 5.78
CA GLU A 416 -7.12 16.12 4.47
C GLU A 416 -7.52 14.83 3.74
N LEU A 417 -7.64 13.71 4.38
CA LEU A 417 -8.16 12.47 3.71
C LEU A 417 -9.60 12.18 3.97
N ARG A 418 -10.08 12.67 5.13
CA ARG A 418 -11.43 12.36 5.60
C ARG A 418 -12.49 13.26 4.94
N ASN A 419 -12.17 14.51 4.61
CA ASN A 419 -13.14 15.37 3.94
C ASN A 419 -12.61 15.99 2.66
N LYS A 420 -11.31 15.84 2.35
CA LYS A 420 -10.79 16.52 1.13
C LYS A 420 -10.10 15.61 0.13
N LEU A 421 -10.28 14.31 0.26
CA LEU A 421 -9.71 13.35 -0.76
C LEU A 421 -10.13 13.68 -2.19
N PHE A 422 -9.18 13.65 -3.13
CA PHE A 422 -9.47 13.70 -4.55
C PHE A 422 -9.40 12.24 -5.11
N GLN A 423 -10.42 11.83 -5.83
CA GLN A 423 -10.34 10.59 -6.61
C GLN A 423 -10.42 10.90 -8.10
N PRO A 424 -9.65 10.11 -8.90
CA PRO A 424 -9.70 10.33 -10.36
C PRO A 424 -11.11 10.41 -10.93
N THR A 425 -11.37 11.39 -11.81
CA THR A 425 -12.68 11.57 -12.51
C THR A 425 -13.80 12.13 -11.62
N HIS A 426 -13.56 12.33 -10.32
CA HIS A 426 -14.70 12.83 -9.52
C HIS A 426 -14.64 14.34 -9.23
N LYS A 427 -13.65 15.00 -9.84
CA LYS A 427 -13.48 16.49 -9.90
C LYS A 427 -13.32 17.32 -8.65
N ILE A 428 -13.60 16.84 -7.45
CA ILE A 428 -13.45 17.71 -6.31
C ILE A 428 -12.54 17.10 -5.27
N HIS A 429 -12.07 17.97 -4.36
CA HIS A 429 -11.33 17.60 -3.18
C HIS A 429 -12.40 17.56 -2.06
N GLY A 430 -13.27 16.55 -2.11
CA GLY A 430 -14.29 16.41 -1.11
C GLY A 430 -14.70 15.01 -0.74
N PHE A 431 -13.82 14.03 -0.89
CA PHE A 431 -14.15 12.65 -0.52
C PHE A 431 -13.60 12.30 0.85
N ASP A 432 -14.00 11.13 1.33
CA ASP A 432 -13.66 10.71 2.66
C ASP A 432 -13.07 9.31 2.59
N LEU A 433 -11.75 9.16 2.78
CA LEU A 433 -11.24 7.81 2.69
C LEU A 433 -11.77 6.78 3.76
N ALA A 434 -12.16 7.33 4.91
CA ALA A 434 -12.57 6.52 6.03
C ALA A 434 -13.87 5.91 5.68
N ALA A 435 -14.78 6.73 5.13
CA ALA A 435 -16.07 6.18 4.71
C ALA A 435 -15.90 5.13 3.58
N ILE A 436 -15.01 5.43 2.62
CA ILE A 436 -14.58 4.49 1.59
C ILE A 436 -14.01 3.22 2.23
N ASN A 437 -13.15 3.27 3.25
CA ASN A 437 -12.61 2.01 3.75
C ASN A 437 -13.75 1.12 4.28
N LEU A 438 -14.72 1.75 4.94
CA LEU A 438 -15.86 1.07 5.58
C LEU A 438 -16.87 0.56 4.54
N GLN A 439 -17.14 1.35 3.53
CA GLN A 439 -18.01 0.85 2.43
C GLN A 439 -17.35 -0.38 1.68
N ARG A 440 -16.04 -0.28 1.53
CA ARG A 440 -15.22 -1.31 0.94
C ARG A 440 -15.17 -2.60 1.71
N CYS A 441 -15.14 -2.50 3.03
CA CYS A 441 -15.11 -3.61 3.96
C CYS A 441 -16.34 -4.44 3.73
N ARG A 442 -17.48 -3.76 3.61
CA ARG A 442 -18.78 -4.37 3.33
C ARG A 442 -18.86 -4.94 1.93
N ASP A 443 -18.37 -4.15 0.99
CA ASP A 443 -18.23 -4.56 -0.43
C ASP A 443 -17.49 -5.90 -0.52
N HIS A 444 -16.40 -6.07 0.23
CA HIS A 444 -15.58 -7.24 0.15
C HIS A 444 -16.08 -8.43 1.01
N GLY A 445 -17.28 -8.31 1.63
CA GLY A 445 -17.90 -9.37 2.42
C GLY A 445 -17.20 -9.63 3.74
N MET A 446 -16.71 -8.57 4.37
CA MET A 446 -15.84 -8.83 5.60
C MET A 446 -16.64 -9.43 6.78
N PRO A 447 -16.16 -10.59 7.35
CA PRO A 447 -16.63 -10.88 8.74
C PRO A 447 -16.36 -9.65 9.67
N GLY A 448 -17.26 -9.48 10.65
CA GLY A 448 -17.20 -8.43 11.64
C GLY A 448 -16.10 -8.63 12.67
N TYR A 449 -15.93 -7.61 13.51
CA TYR A 449 -14.86 -7.51 14.48
C TYR A 449 -14.67 -8.74 15.38
N ASN A 450 -15.74 -9.29 15.93
CA ASN A 450 -15.61 -10.41 16.84
C ASN A 450 -15.25 -11.72 16.14
N SER A 451 -15.66 -11.87 14.87
CA SER A 451 -15.25 -13.07 14.08
C SER A 451 -13.71 -13.04 13.95
N TRP A 452 -13.18 -11.86 13.64
CA TRP A 452 -11.72 -11.66 13.62
C TRP A 452 -11.01 -11.77 14.96
N ARG A 453 -11.62 -11.22 16.05
CA ARG A 453 -11.13 -11.47 17.41
C ARG A 453 -11.07 -12.94 17.66
N GLY A 454 -12.16 -13.66 17.38
CA GLY A 454 -12.14 -15.13 17.39
C GLY A 454 -11.06 -15.89 16.60
N PHE A 455 -10.80 -15.48 15.34
CA PHE A 455 -9.72 -16.02 14.48
C PHE A 455 -8.30 -15.86 15.07
N CYS A 456 -8.13 -14.73 15.76
CA CYS A 456 -6.87 -14.40 16.33
C CYS A 456 -6.75 -14.95 17.76
N GLY A 457 -7.76 -15.70 18.25
CA GLY A 457 -7.79 -16.25 19.60
C GLY A 457 -8.00 -15.17 20.69
N LEU A 458 -8.68 -14.08 20.40
CA LEU A 458 -8.82 -13.00 21.37
C LEU A 458 -10.25 -12.99 21.86
N SER A 459 -10.49 -12.36 22.99
CA SER A 459 -11.81 -12.33 23.59
C SER A 459 -12.74 -11.59 22.65
N GLN A 460 -14.03 -11.90 22.73
CA GLN A 460 -14.98 -11.31 21.89
C GLN A 460 -16.00 -10.57 22.75
N PRO A 461 -15.81 -9.25 22.96
CA PRO A 461 -16.71 -8.50 23.84
C PRO A 461 -18.14 -8.51 23.30
N LYS A 462 -19.10 -8.68 24.19
CA LYS A 462 -20.49 -8.71 23.77
C LYS A 462 -21.27 -7.50 24.28
N THR A 463 -20.75 -6.82 25.29
CA THR A 463 -21.53 -5.74 25.88
C THR A 463 -20.70 -4.47 25.76
N LEU A 464 -21.26 -3.36 26.20
CA LEU A 464 -20.54 -2.06 26.27
C LEU A 464 -19.36 -2.18 27.23
N LYS A 465 -19.58 -2.77 28.38
CA LYS A 465 -18.51 -2.80 29.38
C LYS A 465 -17.37 -3.66 28.84
N GLY A 466 -17.71 -4.75 28.14
CA GLY A 466 -16.66 -5.61 27.61
C GLY A 466 -15.88 -4.88 26.55
N LEU A 467 -16.56 -4.15 25.70
CA LEU A 467 -15.90 -3.39 24.67
C LEU A 467 -15.11 -2.22 25.26
N GLN A 468 -15.62 -1.57 26.31
CA GLN A 468 -14.83 -0.47 26.88
C GLN A 468 -13.50 -1.02 27.38
N THR A 469 -13.50 -2.24 27.90
CA THR A 469 -12.33 -2.80 28.54
C THR A 469 -11.36 -3.17 27.43
N VAL A 470 -11.86 -3.75 26.31
CA VAL A 470 -10.98 -4.11 25.17
C VAL A 470 -10.33 -2.85 24.52
N LEU A 471 -11.11 -1.82 24.31
CA LEU A 471 -10.58 -0.59 23.78
C LEU A 471 -9.86 0.31 24.81
N LYS A 472 -10.05 0.03 26.08
CA LYS A 472 -9.52 0.89 27.11
C LYS A 472 -9.96 2.34 26.90
N ASN A 473 -11.19 2.55 26.35
CA ASN A 473 -11.72 3.89 26.07
C ASN A 473 -13.28 3.88 26.15
N LYS A 474 -13.78 4.37 27.26
CA LYS A 474 -15.19 4.42 27.57
C LYS A 474 -16.09 5.09 26.56
N ILE A 475 -15.68 6.26 26.14
CA ILE A 475 -16.46 7.11 25.26
C ILE A 475 -16.44 6.54 23.81
N LEU A 476 -15.27 6.05 23.34
CA LEU A 476 -15.18 5.46 22.02
C LEU A 476 -16.05 4.19 21.94
N ALA A 477 -16.02 3.33 22.96
CA ALA A 477 -16.81 2.10 22.96
C ALA A 477 -18.30 2.46 22.97
N LYS A 478 -18.66 3.49 23.69
CA LYS A 478 -20.01 3.98 23.69
C LYS A 478 -20.54 4.54 22.35
N LYS A 479 -19.76 5.36 21.68
CA LYS A 479 -19.96 5.75 20.26
C LYS A 479 -20.11 4.54 19.28
N LEU A 480 -19.18 3.60 19.34
CA LEU A 480 -19.31 2.34 18.57
C LEU A 480 -20.63 1.59 18.88
N MET A 481 -20.98 1.43 20.16
CA MET A 481 -22.17 0.66 20.55
C MET A 481 -23.42 1.37 20.06
N ASP A 482 -23.42 2.70 20.19
CA ASP A 482 -24.53 3.51 19.73
C ASP A 482 -24.76 3.41 18.22
N LEU A 483 -23.70 3.37 17.45
CA LEU A 483 -23.82 3.13 16.03
C LEU A 483 -24.07 1.69 15.59
N TYR A 484 -23.29 0.79 16.12
CA TYR A 484 -23.33 -0.61 15.75
C TYR A 484 -24.32 -1.52 16.51
N LYS A 485 -24.59 -1.22 17.77
CA LYS A 485 -25.53 -1.95 18.63
C LYS A 485 -24.97 -3.23 19.24
N THR A 486 -24.00 -3.82 18.56
CA THR A 486 -23.30 -4.95 19.08
C THR A 486 -21.90 -4.95 18.52
N PRO A 487 -20.94 -5.37 19.29
CA PRO A 487 -19.58 -5.44 18.72
C PRO A 487 -19.42 -6.49 17.64
N ASP A 488 -20.34 -7.46 17.57
CA ASP A 488 -20.38 -8.39 16.39
C ASP A 488 -20.44 -7.65 15.06
N ASN A 489 -21.06 -6.47 15.07
CA ASN A 489 -21.36 -5.76 13.85
C ASN A 489 -20.32 -4.71 13.41
N ILE A 490 -19.39 -4.34 14.30
CA ILE A 490 -18.34 -3.36 13.97
C ILE A 490 -17.45 -3.85 12.78
N ASP A 491 -17.31 -3.03 11.74
CA ASP A 491 -16.47 -3.32 10.60
C ASP A 491 -15.05 -3.52 11.09
N ILE A 492 -14.34 -4.45 10.50
CA ILE A 492 -12.98 -4.77 10.93
C ILE A 492 -12.03 -3.55 10.81
N TRP A 493 -12.13 -2.71 9.79
CA TRP A 493 -11.23 -1.57 9.66
C TRP A 493 -11.26 -0.65 10.87
N ILE A 494 -12.45 -0.31 11.31
CA ILE A 494 -12.58 0.62 12.41
C ILE A 494 -12.42 -0.17 13.74
N GLY A 495 -12.84 -1.43 13.84
CA GLY A 495 -12.61 -2.16 15.11
C GLY A 495 -11.15 -2.46 15.35
N GLY A 496 -10.41 -2.95 14.34
CA GLY A 496 -8.94 -3.19 14.52
C GLY A 496 -8.15 -1.94 14.87
N ASN A 497 -8.43 -0.87 14.16
CA ASN A 497 -7.75 0.40 14.39
C ASN A 497 -8.12 1.11 15.69
N ALA A 498 -9.24 0.73 16.32
CA ALA A 498 -9.66 1.36 17.54
C ALA A 498 -8.90 0.81 18.77
N GLU A 499 -8.35 -0.39 18.68
CA GLU A 499 -7.65 -0.99 19.77
C GLU A 499 -6.38 -0.27 20.11
N PRO A 500 -6.06 -0.06 21.36
CA PRO A 500 -4.82 0.65 21.61
C PRO A 500 -3.60 -0.15 21.09
N MET A 501 -2.56 0.58 20.70
CA MET A 501 -1.32 -0.04 20.17
C MET A 501 -0.57 -0.95 21.13
N VAL A 502 -0.05 -2.08 20.60
CA VAL A 502 0.84 -2.92 21.35
C VAL A 502 2.17 -2.22 21.68
N GLU A 503 2.89 -2.78 22.68
CA GLU A 503 4.16 -2.25 23.16
C GLU A 503 5.15 -2.23 22.02
N ARG A 504 5.82 -1.07 21.85
CA ARG A 504 6.87 -0.82 20.83
C ARG A 504 6.35 -1.00 19.41
N GLY A 505 5.03 -0.97 19.23
CA GLY A 505 4.44 -1.19 17.95
C GLY A 505 3.54 -0.02 17.58
N ARG A 506 2.83 -0.14 16.47
CA ARG A 506 1.90 0.97 16.04
C ARG A 506 0.53 0.50 15.64
N VAL A 507 0.28 -0.79 15.95
CA VAL A 507 -1.09 -1.35 15.82
C VAL A 507 -1.48 -2.14 17.07
N GLY A 508 -2.76 -2.38 17.28
CA GLY A 508 -3.13 -3.18 18.41
C GLY A 508 -3.01 -4.70 18.17
N PRO A 509 -3.50 -5.48 19.11
CA PRO A 509 -3.32 -6.94 19.12
C PRO A 509 -3.95 -7.63 17.91
N LEU A 510 -5.23 -7.32 17.63
CA LEU A 510 -5.94 -7.87 16.50
C LEU A 510 -5.23 -7.57 15.18
N LEU A 511 -4.85 -6.32 14.95
CA LEU A 511 -4.17 -6.04 13.68
C LEU A 511 -2.77 -6.71 13.63
N ALA A 512 -2.07 -6.82 14.77
CA ALA A 512 -0.73 -7.38 14.78
C ALA A 512 -0.81 -8.81 14.38
N CYS A 513 -1.86 -9.49 14.81
CA CYS A 513 -2.19 -10.86 14.40
C CYS A 513 -2.51 -11.02 12.89
N LEU A 514 -3.41 -10.23 12.33
CA LEU A 514 -3.72 -10.27 10.88
C LEU A 514 -2.48 -9.89 10.03
N LEU A 515 -1.81 -8.80 10.38
CA LEU A 515 -0.62 -8.36 9.66
C LEU A 515 0.46 -9.39 9.82
N GLY A 516 0.79 -9.71 11.06
CA GLY A 516 1.79 -10.74 11.38
C GLY A 516 1.62 -12.06 10.62
N ARG A 517 0.42 -12.63 10.63
CA ARG A 517 0.20 -13.89 9.88
C ARG A 517 0.48 -13.71 8.35
N GLN A 518 -0.06 -12.64 7.75
CA GLN A 518 0.15 -12.35 6.31
C GLN A 518 1.65 -12.30 5.92
N PHE A 519 2.36 -11.41 6.58
CA PHE A 519 3.79 -11.27 6.33
C PHE A 519 4.60 -12.53 6.52
N GLN A 520 4.27 -13.28 7.56
CA GLN A 520 5.03 -14.53 7.79
C GLN A 520 4.75 -15.45 6.58
N GLN A 521 3.51 -15.42 6.09
CA GLN A 521 3.18 -16.26 4.96
C GLN A 521 3.93 -15.80 3.68
N ILE A 522 3.98 -14.48 3.42
CA ILE A 522 4.59 -14.00 2.15
C ILE A 522 6.08 -14.27 2.15
N ARG A 523 6.66 -14.36 3.34
CA ARG A 523 8.10 -14.70 3.40
C ARG A 523 8.38 -16.23 3.26
N ASP A 524 7.74 -17.02 4.12
CA ASP A 524 7.94 -18.51 4.20
C ASP A 524 7.51 -19.30 2.96
N GLY A 525 6.61 -18.65 2.23
CA GLY A 525 5.88 -19.19 1.11
C GLY A 525 6.40 -18.70 -0.20
N ASP A 526 7.55 -17.99 -0.17
CA ASP A 526 8.15 -17.36 -1.35
C ASP A 526 9.43 -18.06 -1.75
N ARG A 527 9.43 -18.73 -2.91
CA ARG A 527 10.57 -19.56 -3.38
C ARG A 527 11.84 -18.74 -3.61
N PHE A 528 11.63 -17.44 -3.78
CA PHE A 528 12.68 -16.50 -4.18
C PHE A 528 13.09 -15.49 -3.06
N TRP A 529 12.68 -15.79 -1.82
CA TRP A 529 13.05 -15.01 -0.66
C TRP A 529 14.55 -14.93 -0.64
N TRP A 530 15.04 -13.72 -0.41
CA TRP A 530 16.41 -13.42 -0.63
C TRP A 530 17.29 -14.34 0.20
N GLU A 531 16.77 -14.77 1.36
CA GLU A 531 17.61 -15.53 2.32
C GLU A 531 17.47 -17.02 2.10
N ASN A 532 16.55 -17.44 1.22
CA ASN A 532 16.41 -18.87 0.91
C ASN A 532 17.69 -19.44 0.27
N PRO A 533 18.30 -20.48 0.89
CA PRO A 533 19.53 -21.03 0.35
C PRO A 533 19.38 -21.26 -1.14
N GLY A 534 20.32 -20.74 -1.92
CA GLY A 534 20.31 -20.92 -3.36
C GLY A 534 19.99 -19.66 -4.12
N VAL A 535 19.06 -18.84 -3.61
CA VAL A 535 18.61 -17.64 -4.34
C VAL A 535 19.77 -16.67 -4.55
N PHE A 536 20.47 -16.32 -3.48
CA PHE A 536 21.76 -15.59 -3.60
C PHE A 536 22.87 -16.45 -3.08
N THR A 537 24.12 -16.14 -3.47
CA THR A 537 25.27 -16.79 -2.88
C THR A 537 25.52 -16.24 -1.48
N GLU A 538 26.30 -16.99 -0.70
CA GLU A 538 26.73 -16.60 0.62
C GLU A 538 27.39 -15.20 0.63
N LYS A 539 28.15 -14.86 -0.42
CA LYS A 539 28.88 -13.56 -0.45
C LYS A 539 27.94 -12.41 -0.74
N GLN A 540 27.02 -12.67 -1.66
CA GLN A 540 26.01 -11.67 -2.05
C GLN A 540 25.13 -11.29 -0.88
N ARG A 541 24.71 -12.27 -0.09
CA ARG A 541 23.92 -12.03 1.13
C ARG A 541 24.58 -11.19 2.21
N ASP A 542 25.85 -11.43 2.49
CA ASP A 542 26.68 -10.59 3.37
C ASP A 542 26.74 -9.16 2.87
N SER A 543 26.81 -8.98 1.54
CA SER A 543 26.73 -7.67 0.88
C SER A 543 25.33 -7.01 1.02
N LEU A 544 24.28 -7.82 0.92
CA LEU A 544 22.90 -7.31 0.93
C LEU A 544 22.42 -6.95 2.32
N GLN A 545 23.05 -7.54 3.31
CA GLN A 545 22.83 -7.26 4.72
C GLN A 545 23.18 -5.83 5.14
N LYS A 546 24.02 -5.14 4.36
CA LYS A 546 24.40 -3.73 4.69
C LYS A 546 23.46 -2.63 4.13
N VAL A 547 22.43 -3.03 3.41
CA VAL A 547 21.54 -2.06 2.79
C VAL A 547 20.77 -1.30 3.85
N SER A 548 20.59 -0.01 3.65
CA SER A 548 19.66 0.73 4.48
C SER A 548 18.93 1.73 3.61
N PHE A 549 17.82 2.31 4.10
CA PHE A 549 17.12 3.38 3.33
C PHE A 549 18.04 4.64 3.30
N SER A 550 18.95 4.75 4.25
CA SER A 550 19.85 5.89 4.31
C SER A 550 20.85 5.83 3.16
N ARG A 551 21.19 4.62 2.77
CA ARG A 551 22.23 4.46 1.79
C ARG A 551 21.61 4.61 0.39
N LEU A 552 20.37 4.11 0.24
CA LEU A 552 19.58 4.34 -0.97
C LEU A 552 19.42 5.82 -1.26
N ILE A 553 19.06 6.62 -0.24
CA ILE A 553 18.95 8.07 -0.36
C ILE A 553 20.28 8.62 -0.89
N CYS A 554 21.37 8.30 -0.20
CA CYS A 554 22.72 8.80 -0.59
C CYS A 554 23.09 8.57 -2.02
N ASP A 555 22.74 7.40 -2.54
CA ASP A 555 23.18 7.04 -3.85
C ASP A 555 22.41 7.63 -5.01
N ASN A 556 21.13 7.88 -4.72
CA ASN A 556 20.18 8.34 -5.73
C ASN A 556 19.68 9.75 -5.55
N THR A 557 20.35 10.55 -4.71
CA THR A 557 19.95 11.94 -4.56
C THR A 557 21.20 12.77 -4.20
N HIS A 558 21.05 14.04 -4.07
CA HIS A 558 22.20 14.90 -3.77
C HIS A 558 22.19 15.30 -2.33
N ILE A 559 21.59 14.49 -1.49
CA ILE A 559 21.51 14.70 -0.05
C ILE A 559 22.79 14.05 0.52
N THR A 560 23.52 14.75 1.36
CA THR A 560 24.76 14.19 1.88
C THR A 560 24.72 13.97 3.39
N LYS A 561 23.56 14.29 3.98
CA LYS A 561 23.36 14.10 5.40
C LYS A 561 22.09 13.29 5.70
N VAL A 562 22.29 12.07 6.20
CA VAL A 562 21.21 11.15 6.44
C VAL A 562 21.27 10.62 7.85
N PRO A 563 20.12 10.20 8.41
CA PRO A 563 20.18 9.58 9.70
C PRO A 563 20.48 8.13 9.53
N LEU A 564 21.07 7.48 10.54
CA LEU A 564 21.38 6.07 10.33
C LEU A 564 20.10 5.24 10.33
N HIS A 565 19.08 5.64 11.09
CA HIS A 565 17.83 4.86 11.23
C HIS A 565 16.67 5.70 10.74
N ALA A 566 16.26 5.52 9.47
CA ALA A 566 15.43 6.49 8.76
C ALA A 566 13.94 6.52 9.21
N PHE A 567 13.54 5.45 9.88
CA PHE A 567 12.11 5.30 10.29
C PHE A 567 11.83 5.93 11.66
N GLN A 568 12.88 6.11 12.45
CA GLN A 568 12.71 6.67 13.80
C GLN A 568 12.51 8.15 13.60
N ALA A 569 11.95 8.85 14.57
CA ALA A 569 11.91 10.31 14.43
C ALA A 569 13.31 10.88 14.53
N ASN A 570 13.80 11.53 13.48
CA ASN A 570 15.16 12.17 13.52
C ASN A 570 15.23 13.69 13.37
N ASN A 571 16.00 14.38 14.21
CA ASN A 571 16.18 15.83 14.09
C ASN A 571 17.53 16.31 13.58
N TYR A 572 17.49 17.18 12.58
CA TYR A 572 18.68 17.78 12.00
C TYR A 572 19.23 18.88 12.93
N PRO A 573 20.57 18.91 13.14
CA PRO A 573 21.58 17.97 12.63
C PRO A 573 22.01 16.88 13.62
N HIS A 574 21.50 16.88 14.85
CA HIS A 574 21.99 15.94 15.86
C HIS A 574 22.04 14.50 15.34
N ASP A 575 20.91 13.98 14.88
CA ASP A 575 20.83 12.58 14.49
C ASP A 575 21.25 12.34 13.05
N PHE A 576 21.85 13.34 12.40
CA PHE A 576 22.19 13.21 10.98
C PHE A 576 23.70 13.06 10.79
N VAL A 577 24.11 12.18 9.89
CA VAL A 577 25.53 11.92 9.68
C VAL A 577 25.87 12.11 8.23
N ASP A 578 27.17 12.27 7.96
CA ASP A 578 27.69 12.40 6.59
C ASP A 578 27.33 11.12 5.82
N CYS A 579 27.03 11.23 4.52
CA CYS A 579 26.72 10.03 3.70
C CYS A 579 27.85 9.05 3.71
N SER A 580 29.08 9.57 3.83
CA SER A 580 30.30 8.80 3.72
C SER A 580 30.46 7.74 4.79
N THR A 581 29.65 7.87 5.84
CA THR A 581 29.79 7.10 7.06
C THR A 581 28.88 5.86 7.05
N VAL A 582 28.01 5.82 6.03
CA VAL A 582 26.95 4.84 5.91
C VAL A 582 27.42 3.64 5.04
N ASP A 583 27.02 2.43 5.41
CA ASP A 583 27.48 1.20 4.75
C ASP A 583 27.15 1.16 3.26
N LYS A 584 28.10 0.75 2.43
CA LYS A 584 27.71 0.67 1.03
C LYS A 584 27.26 -0.72 0.63
N LEU A 585 26.43 -0.78 -0.36
CA LEU A 585 26.13 -2.08 -0.95
C LEU A 585 27.28 -2.40 -1.90
N ASP A 586 27.74 -3.63 -1.89
CA ASP A 586 29.02 -3.93 -2.54
C ASP A 586 28.67 -4.99 -3.54
N LEU A 587 28.74 -4.63 -4.82
CA LEU A 587 28.37 -5.54 -5.91
C LEU A 587 29.55 -6.38 -6.43
N SER A 588 30.74 -6.14 -5.89
CA SER A 588 31.90 -7.00 -6.20
C SER A 588 31.47 -8.49 -6.23
N PRO A 589 30.78 -8.98 -5.17
CA PRO A 589 30.30 -10.36 -5.10
C PRO A 589 29.45 -10.87 -6.27
N TRP A 590 29.08 -9.99 -7.20
CA TRP A 590 28.24 -10.38 -8.34
C TRP A 590 29.10 -10.53 -9.59
N ALA A 591 30.42 -10.34 -9.44
CA ALA A 591 31.36 -10.49 -10.55
C ALA A 591 31.38 -11.92 -11.01
N SER A 592 31.16 -12.13 -12.31
CA SER A 592 31.21 -13.45 -12.91
C SER A 592 32.16 -13.51 -14.15
N ARG A 593 32.48 -14.70 -14.71
CA ARG A 593 33.44 -14.64 -15.80
C ARG A 593 33.37 -15.83 -16.80
N GLU A 594 33.55 -15.41 -18.02
CA GLU A 594 33.61 -16.21 -19.22
C GLU A 594 34.75 -15.64 -20.09
N ASN A 595 35.35 -16.59 -20.84
CA ASN A 595 36.52 -16.54 -21.74
C ASN A 595 37.78 -16.18 -20.98
#